data_4QY8
#
_entry.id   4QY8
#
_cell.length_a   42.107
_cell.length_b   60.323
_cell.length_c   43.477
_cell.angle_alpha   90.00
_cell.angle_beta   107.03
_cell.angle_gamma   90.00
#
_symmetry.space_group_name_H-M   'P 1 21 1'
#
loop_
_entity.id
_entity.type
_entity.pdbx_description
1 polymer 'Fv fragment(mAb6D8) heavy chain'
2 polymer 'Fv fragment(mAb6D8) light chain'
3 polymer 'Merozoite surface antigen 2'
4 water water
#
loop_
_entity_poly.entity_id
_entity_poly.type
_entity_poly.pdbx_seq_one_letter_code
_entity_poly.pdbx_strand_id
1 'polypeptide(L)'
;QVQLQQSGDELVKPGASVKLSCTVSGFNIKDDFIHWMKQRPEQGLEWIGRIDPANGYTKYAPKFQDKATMTADTSSNTAY
LQLSSLASEDAAVYYCATYGVAYWGQGTLVTVSA
;
A
2 'polypeptide(L)'
;DIVLTQSPASLAVSLGQRATISCKASQSVDHDGDSYMNWFQQKPGQSPKLLIYAASNLESGIPARFSGSGSGTDFTLNIH
PVEEEDAATYYCQQTNEDPYTFGGGTKLEIK
;
B
3 'polypeptide(L)' (ACE)NAYNMSIRRSMAESKPS(NH2) Q
#
# COMPACT_ATOMS: atom_id res chain seq x y z
N GLN A 1 -18.64 -1.65 -9.74
CA GLN A 1 -17.41 -2.01 -9.06
C GLN A 1 -16.94 -0.86 -8.17
N VAL A 2 -15.93 -1.13 -7.36
CA VAL A 2 -15.46 -0.17 -6.37
C VAL A 2 -14.46 0.82 -6.97
N GLN A 3 -14.71 2.11 -6.76
CA GLN A 3 -13.80 3.15 -7.21
C GLN A 3 -13.48 4.09 -6.06
N LEU A 4 -12.19 4.41 -5.92
CA LEU A 4 -11.72 5.40 -4.97
C LEU A 4 -11.22 6.60 -5.77
N GLN A 5 -11.93 7.69 -5.70
CA GLN A 5 -11.62 8.90 -6.46
C GLN A 5 -10.98 9.92 -5.54
N GLN A 6 -9.70 10.18 -5.74
CA GLN A 6 -8.96 11.11 -4.89
C GLN A 6 -8.98 12.51 -5.47
N SER A 7 -8.83 13.49 -4.59
CA SER A 7 -8.89 14.90 -4.96
C SER A 7 -7.66 15.31 -5.77
N GLY A 8 -7.74 16.51 -6.36
CA GLY A 8 -6.73 16.96 -7.29
C GLY A 8 -5.41 17.31 -6.63
N ASP A 9 -4.35 17.33 -7.44
CA ASP A 9 -3.02 17.66 -6.96
C ASP A 9 -3.01 19.07 -6.36
N GLU A 10 -2.18 19.25 -5.34
CA GLU A 10 -2.09 20.52 -4.64
C GLU A 10 -0.65 20.98 -4.45
N LEU A 11 -0.41 22.24 -4.78
CA LEU A 11 0.83 22.92 -4.43
C LEU A 11 0.60 23.66 -3.12
N VAL A 12 1.40 23.36 -2.11
CA VAL A 12 1.19 23.84 -0.75
C VAL A 12 2.39 24.61 -0.23
N LYS A 13 2.14 25.63 0.58
CA LYS A 13 3.23 26.43 1.13
C LYS A 13 3.72 25.88 2.46
N PRO A 14 5.03 26.04 2.75
CA PRO A 14 5.53 25.57 4.04
C PRO A 14 4.78 26.21 5.20
N GLY A 15 4.43 25.40 6.20
CA GLY A 15 3.73 25.87 7.38
C GLY A 15 2.22 25.81 7.23
N ALA A 16 1.75 25.68 6.00
CA ALA A 16 0.31 25.62 5.74
C ALA A 16 -0.22 24.21 5.98
N SER A 17 -1.53 24.06 5.83
CA SER A 17 -2.17 22.76 5.94
CA SER A 17 -2.17 22.76 5.94
C SER A 17 -2.93 22.45 4.65
N VAL A 18 -3.21 21.18 4.43
CA VAL A 18 -3.97 20.79 3.25
C VAL A 18 -4.78 19.57 3.63
N LYS A 19 -5.97 19.47 3.06
CA LYS A 19 -6.89 18.37 3.34
C LYS A 19 -7.23 17.67 2.05
N LEU A 20 -6.83 16.41 1.96
CA LEU A 20 -7.03 15.59 0.77
C LEU A 20 -8.29 14.75 0.98
N SER A 21 -8.97 14.40 -0.11
CA SER A 21 -10.16 13.57 0.01
C SER A 21 -10.09 12.32 -0.86
N CYS A 22 -10.90 11.35 -0.47
CA CYS A 22 -10.97 10.06 -1.11
C CYS A 22 -12.44 9.67 -1.12
N THR A 23 -13.08 9.84 -2.27
CA THR A 23 -14.51 9.62 -2.39
C THR A 23 -14.75 8.23 -2.97
N VAL A 24 -15.44 7.40 -2.20
CA VAL A 24 -15.63 6.01 -2.57
C VAL A 24 -16.99 5.81 -3.21
N SER A 25 -17.01 5.06 -4.30
CA SER A 25 -18.26 4.70 -4.95
C SER A 25 -18.30 3.19 -5.18
N GLY A 26 -19.49 2.62 -5.11
CA GLY A 26 -19.67 1.18 -5.32
C GLY A 26 -19.29 0.35 -4.10
N PHE A 27 -19.16 1.01 -2.97
CA PHE A 27 -18.77 0.35 -1.72
C PHE A 27 -19.24 1.24 -0.59
N ASN A 28 -19.83 0.65 0.44
CA ASN A 28 -20.26 1.41 1.61
C ASN A 28 -19.06 1.54 2.54
N ILE A 29 -18.53 2.76 2.77
CA ILE A 29 -17.29 2.86 3.55
C ILE A 29 -17.46 2.45 5.01
N LYS A 30 -18.70 2.38 5.50
CA LYS A 30 -18.93 1.83 6.82
C LYS A 30 -18.48 0.37 6.89
N ASP A 31 -18.32 -0.28 5.73
CA ASP A 31 -18.02 -1.70 5.69
C ASP A 31 -16.54 -2.07 5.86
N ASP A 32 -15.63 -1.09 5.91
CA ASP A 32 -14.21 -1.42 6.04
C ASP A 32 -13.38 -0.21 6.44
N PHE A 33 -12.20 -0.46 7.00
CA PHE A 33 -11.23 0.59 7.19
C PHE A 33 -10.90 1.24 5.87
N ILE A 34 -10.54 2.52 5.92
CA ILE A 34 -9.82 3.17 4.85
C ILE A 34 -8.39 3.42 5.32
N HIS A 35 -7.43 3.08 4.47
CA HIS A 35 -6.01 3.23 4.75
C HIS A 35 -5.43 4.37 3.93
N TRP A 36 -4.45 5.05 4.50
CA TRP A 36 -3.73 6.08 3.78
C TRP A 36 -2.25 5.73 3.70
N MET A 37 -1.66 5.94 2.52
CA MET A 37 -0.25 5.66 2.27
C MET A 37 0.41 6.88 1.68
N LYS A 38 1.72 7.00 1.92
CA LYS A 38 2.55 8.07 1.36
C LYS A 38 3.62 7.43 0.51
N GLN A 39 3.95 8.03 -0.62
CA GLN A 39 5.02 7.54 -1.46
C GLN A 39 5.92 8.67 -1.95
N ARG A 40 7.22 8.51 -1.71
CA ARG A 40 8.25 9.38 -2.23
C ARG A 40 9.22 8.50 -3.02
N PRO A 41 9.83 9.04 -4.08
CA PRO A 41 10.68 8.17 -4.91
C PRO A 41 11.90 7.61 -4.18
N GLU A 42 12.45 8.37 -3.23
CA GLU A 42 13.63 7.92 -2.49
C GLU A 42 13.25 7.00 -1.34
N GLN A 43 12.37 7.48 -0.47
CA GLN A 43 12.02 6.77 0.77
C GLN A 43 10.95 5.70 0.57
N GLY A 44 10.30 5.70 -0.58
CA GLY A 44 9.36 4.65 -0.93
C GLY A 44 7.99 4.78 -0.29
N LEU A 45 7.32 3.65 -0.12
CA LEU A 45 5.96 3.61 0.37
C LEU A 45 5.90 3.49 1.88
N GLU A 46 5.03 4.28 2.49
CA GLU A 46 4.83 4.26 3.93
C GLU A 46 3.34 4.26 4.23
N TRP A 47 2.95 3.49 5.24
CA TRP A 47 1.57 3.46 5.70
C TRP A 47 1.38 4.52 6.79
N ILE A 48 0.43 5.41 6.56
CA ILE A 48 0.15 6.50 7.48
C ILE A 48 -0.76 6.04 8.61
N GLY A 49 -1.79 5.28 8.26
CA GLY A 49 -2.72 4.80 9.26
C GLY A 49 -4.01 4.27 8.63
N ARG A 50 -4.95 3.88 9.49
CA ARG A 50 -6.25 3.42 9.04
C ARG A 50 -7.32 4.07 9.91
N ILE A 51 -8.47 4.32 9.29
CA ILE A 51 -9.64 4.85 10.00
C ILE A 51 -10.81 3.91 9.76
N ASP A 52 -11.61 3.69 10.78
CA ASP A 52 -12.87 2.94 10.67
C ASP A 52 -14.00 3.95 10.53
N PRO A 53 -14.58 4.08 9.33
CA PRO A 53 -15.62 5.11 9.16
C PRO A 53 -16.89 4.82 9.95
N ALA A 54 -17.09 3.57 10.37
CA ALA A 54 -18.29 3.23 11.11
C ALA A 54 -18.28 3.77 12.54
N ASN A 55 -17.10 4.02 13.11
CA ASN A 55 -17.02 4.49 14.49
C ASN A 55 -15.98 5.59 14.71
N GLY A 56 -15.27 6.01 13.67
CA GLY A 56 -14.29 7.08 13.80
C GLY A 56 -12.97 6.67 14.40
N TYR A 57 -12.81 5.38 14.70
CA TYR A 57 -11.55 4.86 15.27
C TYR A 57 -10.40 5.13 14.31
N THR A 58 -9.26 5.57 14.85
CA THR A 58 -8.06 5.78 14.05
C THR A 58 -6.83 5.15 14.71
N LYS A 59 -5.95 4.63 13.86
CA LYS A 59 -4.64 4.13 14.26
C LYS A 59 -3.62 4.71 13.29
N TYR A 60 -2.60 5.37 13.83
CA TYR A 60 -1.56 5.98 13.03
C TYR A 60 -0.21 5.30 13.24
N ALA A 61 0.64 5.34 12.22
CA ALA A 61 2.05 5.08 12.44
C ALA A 61 2.59 6.25 13.30
N PRO A 62 3.45 5.96 14.30
CA PRO A 62 3.95 7.03 15.17
C PRO A 62 4.56 8.24 14.45
N LYS A 63 5.22 8.05 13.32
CA LYS A 63 5.83 9.18 12.63
C LYS A 63 4.77 10.13 12.03
N PHE A 64 3.53 9.67 11.93
CA PHE A 64 2.45 10.50 11.40
C PHE A 64 1.46 11.02 12.44
N GLN A 65 1.69 10.69 13.71
CA GLN A 65 0.74 11.03 14.76
C GLN A 65 0.48 12.53 14.95
N ASP A 66 1.48 13.37 14.69
CA ASP A 66 1.32 14.82 14.88
C ASP A 66 1.34 15.58 13.55
N LYS A 67 1.22 14.84 12.46
CA LYS A 67 1.27 15.40 11.11
C LYS A 67 -0.05 15.19 10.40
N ALA A 68 -0.64 14.01 10.60
CA ALA A 68 -1.81 13.61 9.84
C ALA A 68 -3.00 13.48 10.76
N THR A 69 -4.16 13.89 10.25
CA THR A 69 -5.44 13.61 10.89
C THR A 69 -6.37 12.99 9.85
N MET A 70 -6.79 11.76 10.13
CA MET A 70 -7.75 11.06 9.27
C MET A 70 -9.14 11.28 9.81
N THR A 71 -10.08 11.62 8.92
CA THR A 71 -11.50 11.67 9.26
C THR A 71 -12.28 11.00 8.14
N ALA A 72 -13.55 10.72 8.39
CA ALA A 72 -14.40 10.15 7.36
C ALA A 72 -15.85 10.54 7.60
N ASP A 73 -16.63 10.49 6.52
CA ASP A 73 -18.04 10.80 6.58
C ASP A 73 -18.80 9.73 5.81
N THR A 74 -19.54 8.90 6.53
CA THR A 74 -20.35 7.89 5.88
C THR A 74 -21.48 8.55 5.10
N SER A 75 -21.91 9.73 5.55
CA SER A 75 -22.98 10.47 4.88
C SER A 75 -22.62 10.85 3.45
N SER A 76 -21.32 10.91 3.16
CA SER A 76 -20.84 11.26 1.82
C SER A 76 -19.90 10.21 1.24
N ASN A 77 -19.71 9.11 1.97
CA ASN A 77 -18.81 8.05 1.54
C ASN A 77 -17.41 8.57 1.21
N THR A 78 -16.95 9.52 2.01
CA THR A 78 -15.67 10.19 1.76
C THR A 78 -14.76 10.11 2.98
N ALA A 79 -13.49 9.82 2.72
CA ALA A 79 -12.45 9.88 3.74
C ALA A 79 -11.51 11.05 3.45
N TYR A 80 -11.00 11.66 4.50
CA TYR A 80 -10.12 12.81 4.38
C TYR A 80 -8.82 12.60 5.11
N LEU A 81 -7.77 13.19 4.56
CA LEU A 81 -6.46 13.22 5.19
C LEU A 81 -6.01 14.67 5.29
N GLN A 82 -5.94 15.17 6.51
CA GLN A 82 -5.46 16.53 6.74
C GLN A 82 -4.00 16.47 7.14
N LEU A 83 -3.17 17.20 6.41
CA LEU A 83 -1.75 17.30 6.70
C LEU A 83 -1.49 18.70 7.23
N SER A 84 -0.80 18.80 8.36
CA SER A 84 -0.62 20.08 9.03
C SER A 84 0.84 20.50 9.05
N SER A 85 1.06 21.81 9.15
CA SER A 85 2.38 22.40 9.26
C SER A 85 3.32 21.80 8.23
N LEU A 86 2.96 21.92 6.96
CA LEU A 86 3.67 21.20 5.91
C LEU A 86 5.10 21.67 5.76
N ALA A 87 5.97 20.71 5.46
CA ALA A 87 7.38 20.98 5.21
C ALA A 87 7.78 20.17 3.97
N SER A 88 8.99 20.41 3.48
CA SER A 88 9.45 19.78 2.25
C SER A 88 9.28 18.25 2.25
N GLU A 89 9.49 17.61 3.40
CA GLU A 89 9.43 16.15 3.45
C GLU A 89 8.02 15.61 3.30
N ASP A 90 7.03 16.50 3.31
CA ASP A 90 5.62 16.12 3.13
C ASP A 90 5.24 16.05 1.65
N ALA A 91 6.08 16.56 0.77
CA ALA A 91 5.84 16.44 -0.66
C ALA A 91 5.91 14.96 -1.03
N ALA A 92 4.85 14.47 -1.65
CA ALA A 92 4.70 13.05 -1.91
C ALA A 92 3.42 12.81 -2.69
N VAL A 93 3.25 11.58 -3.15
CA VAL A 93 1.96 11.10 -3.61
C VAL A 93 1.28 10.40 -2.42
N TYR A 94 0.02 10.74 -2.18
CA TYR A 94 -0.77 10.14 -1.12
C TYR A 94 -1.88 9.29 -1.72
N TYR A 95 -2.02 8.06 -1.22
CA TYR A 95 -3.01 7.10 -1.70
C TYR A 95 -3.98 6.75 -0.59
N CYS A 96 -5.24 6.51 -0.95
CA CYS A 96 -6.15 5.83 -0.05
C CYS A 96 -6.42 4.42 -0.57
N ALA A 97 -6.81 3.52 0.32
CA ALA A 97 -7.12 2.14 -0.07
C ALA A 97 -8.15 1.54 0.86
N THR A 98 -8.89 0.56 0.35
CA THR A 98 -9.86 -0.18 1.14
C THR A 98 -10.05 -1.60 0.58
N TYR A 99 -11.01 -2.34 1.14
CA TYR A 99 -11.24 -3.76 0.83
C TYR A 99 -10.01 -4.55 1.25
N GLY A 100 -9.79 -4.63 2.55
CA GLY A 100 -8.45 -4.88 3.05
C GLY A 100 -7.60 -3.75 2.52
N VAL A 101 -6.54 -4.09 1.78
CA VAL A 101 -5.76 -3.09 1.07
C VAL A 101 -5.73 -3.41 -0.44
N ALA A 102 -6.81 -3.97 -0.94
CA ALA A 102 -6.85 -4.44 -2.33
C ALA A 102 -7.15 -3.35 -3.36
N TYR A 103 -7.98 -2.39 -3.00
CA TYR A 103 -8.44 -1.36 -3.95
C TYR A 103 -7.87 -0.01 -3.56
N TRP A 104 -7.17 0.62 -4.49
CA TRP A 104 -6.49 1.89 -4.23
C TRP A 104 -7.03 3.00 -5.10
N GLY A 105 -7.00 4.21 -4.56
CA GLY A 105 -7.26 5.42 -5.33
C GLY A 105 -6.10 5.70 -6.27
N GLN A 106 -6.24 6.73 -7.08
CA GLN A 106 -5.27 7.01 -8.14
C GLN A 106 -4.10 7.85 -7.63
N GLY A 107 -4.19 8.30 -6.39
CA GLY A 107 -3.16 9.14 -5.82
C GLY A 107 -3.42 10.63 -6.00
N THR A 108 -2.99 11.40 -4.99
CA THR A 108 -2.99 12.85 -5.04
C THR A 108 -1.55 13.30 -4.82
N LEU A 109 -1.04 14.09 -5.76
CA LEU A 109 0.29 14.66 -5.63
C LEU A 109 0.24 15.93 -4.81
N VAL A 110 1.06 15.97 -3.75
CA VAL A 110 1.27 17.18 -2.98
C VAL A 110 2.69 17.66 -3.22
N THR A 111 2.81 18.90 -3.70
CA THR A 111 4.10 19.52 -3.90
C THR A 111 4.20 20.70 -2.95
N VAL A 112 5.40 20.96 -2.43
CA VAL A 112 5.61 22.02 -1.46
C VAL A 112 6.50 23.11 -2.08
N SER A 113 6.00 24.33 -2.10
CA SER A 113 6.74 25.42 -2.72
C SER A 113 7.85 25.93 -1.81
N ALA A 114 8.82 26.61 -2.41
CA ALA A 114 9.97 27.14 -1.69
C ALA A 114 9.71 28.56 -1.19
N ASP B 1 9.09 -1.94 14.88
CA ASP B 1 8.37 -2.07 13.60
C ASP B 1 9.03 -3.19 12.79
N ILE B 2 8.30 -3.77 11.86
CA ILE B 2 8.85 -4.83 11.03
C ILE B 2 9.49 -4.21 9.79
N VAL B 3 10.78 -4.51 9.60
CA VAL B 3 11.52 -4.00 8.45
C VAL B 3 11.56 -5.06 7.37
N LEU B 4 11.18 -4.67 6.16
CA LEU B 4 11.16 -5.57 5.01
C LEU B 4 12.28 -5.25 4.04
N THR B 5 13.06 -6.26 3.71
CA THR B 5 14.22 -6.11 2.83
C THR B 5 14.03 -6.99 1.60
N GLN B 6 14.03 -6.35 0.43
CA GLN B 6 13.88 -7.08 -0.83
C GLN B 6 15.21 -7.38 -1.50
N SER B 7 15.25 -8.50 -2.21
CA SER B 7 16.44 -8.92 -2.95
CA SER B 7 16.43 -8.91 -2.95
C SER B 7 16.02 -9.56 -4.26
N PRO B 8 16.58 -9.10 -5.39
CA PRO B 8 17.55 -8.01 -5.57
C PRO B 8 16.81 -6.67 -5.60
N ALA B 9 17.54 -5.57 -5.62
CA ALA B 9 16.94 -4.25 -5.78
C ALA B 9 16.49 -4.04 -7.22
N SER B 10 17.20 -4.64 -8.16
CA SER B 10 16.85 -4.55 -9.56
C SER B 10 17.19 -5.86 -10.26
N LEU B 11 16.37 -6.19 -11.27
CA LEU B 11 16.42 -7.47 -11.92
C LEU B 11 16.14 -7.30 -13.41
N ALA B 12 17.08 -7.73 -14.24
CA ALA B 12 16.86 -7.75 -15.69
C ALA B 12 16.70 -9.20 -16.11
N VAL B 13 15.60 -9.50 -16.77
CA VAL B 13 15.27 -10.87 -17.10
C VAL B 13 14.92 -10.99 -18.58
N SER B 14 15.13 -12.18 -19.12
CA SER B 14 14.80 -12.45 -20.50
C SER B 14 13.33 -12.84 -20.61
N LEU B 15 12.70 -12.39 -21.69
CA LEU B 15 11.32 -12.77 -21.96
C LEU B 15 11.18 -14.28 -21.93
N GLY B 16 10.18 -14.79 -21.22
CA GLY B 16 9.89 -16.21 -21.21
C GLY B 16 10.55 -17.01 -20.09
N GLN B 17 11.48 -16.40 -19.37
CA GLN B 17 12.14 -17.06 -18.26
C GLN B 17 11.32 -16.92 -16.98
N ARG B 18 11.75 -17.61 -15.93
CA ARG B 18 11.21 -17.42 -14.60
C ARG B 18 12.03 -16.37 -13.85
N ALA B 19 11.37 -15.65 -12.95
CA ALA B 19 12.05 -14.70 -12.07
C ALA B 19 11.48 -14.83 -10.66
N THR B 20 12.34 -14.66 -9.66
CA THR B 20 11.92 -14.69 -8.27
C THR B 20 12.43 -13.45 -7.55
N ILE B 21 11.55 -12.83 -6.77
CA ILE B 21 11.88 -11.69 -5.92
C ILE B 21 11.70 -12.12 -4.46
N SER B 22 12.72 -11.85 -3.65
CA SER B 22 12.73 -12.21 -2.24
C SER B 22 12.34 -11.02 -1.38
N CYS B 23 11.60 -11.29 -0.31
CA CYS B 23 11.29 -10.30 0.72
C CYS B 23 11.51 -10.95 2.08
N LYS B 24 12.43 -10.38 2.85
CA LYS B 24 12.71 -10.88 4.18
C LYS B 24 12.30 -9.86 5.24
N ALA B 25 11.53 -10.34 6.22
CA ALA B 25 11.04 -9.51 7.30
C ALA B 25 11.93 -9.64 8.51
N SER B 26 12.12 -8.54 9.25
CA SER B 26 13.02 -8.54 10.38
C SER B 26 12.44 -9.28 11.60
N GLN B 27 11.12 -9.45 11.59
CA GLN B 27 10.40 -10.22 12.61
C GLN B 27 9.27 -10.96 11.90
N SER B 28 8.72 -11.99 12.54
CA SER B 28 7.68 -12.80 11.91
C SER B 28 6.42 -12.01 11.52
N VAL B 29 5.88 -12.31 10.34
CA VAL B 29 4.61 -11.72 9.93
C VAL B 29 3.48 -12.76 10.02
N ASP B 30 3.75 -13.85 10.74
CA ASP B 30 2.75 -14.90 10.94
C ASP B 30 1.84 -14.61 12.13
N HIS B 31 0.59 -15.03 12.00
CA HIS B 31 -0.31 -15.05 13.14
C HIS B 31 -1.43 -16.06 12.90
N ASP B 32 -1.65 -16.92 13.88
CA ASP B 32 -2.77 -17.86 13.86
C ASP B 32 -2.80 -18.71 12.59
N GLY B 33 -1.63 -19.12 12.12
CA GLY B 33 -1.52 -20.01 10.98
C GLY B 33 -1.48 -19.33 9.62
N ASP B 34 -1.64 -18.00 9.58
CA ASP B 34 -1.57 -17.25 8.33
C ASP B 34 -0.38 -16.32 8.34
N SER B 35 0.08 -15.95 7.14
CA SER B 35 1.23 -15.08 6.97
C SER B 35 0.78 -13.81 6.25
N TYR B 36 0.84 -12.68 6.93
CA TYR B 36 0.28 -11.45 6.41
C TYR B 36 1.27 -10.66 5.57
N MET B 37 1.67 -11.26 4.44
CA MET B 37 2.53 -10.63 3.46
C MET B 37 1.79 -10.47 2.14
N ASN B 38 1.78 -9.24 1.63
CA ASN B 38 1.21 -8.91 0.34
C ASN B 38 2.30 -8.56 -0.66
N TRP B 39 2.01 -8.73 -1.94
CA TRP B 39 2.88 -8.27 -3.01
C TRP B 39 2.11 -7.36 -3.93
N PHE B 40 2.73 -6.23 -4.29
CA PHE B 40 2.16 -5.25 -5.21
C PHE B 40 3.05 -5.04 -6.42
N GLN B 41 2.44 -4.71 -7.55
CA GLN B 41 3.12 -4.29 -8.76
C GLN B 41 2.80 -2.80 -8.97
N GLN B 42 3.80 -1.99 -9.32
CA GLN B 42 3.54 -0.60 -9.66
C GLN B 42 4.30 -0.16 -10.91
N LYS B 43 3.58 0.46 -11.83
CA LYS B 43 4.17 1.06 -13.02
C LYS B 43 4.12 2.58 -12.86
N PRO B 44 5.07 3.28 -13.49
CA PRO B 44 5.17 4.74 -13.26
C PRO B 44 3.86 5.48 -13.52
N GLY B 45 3.50 6.37 -12.60
CA GLY B 45 2.29 7.17 -12.73
C GLY B 45 1.02 6.44 -12.32
N GLN B 46 1.14 5.18 -11.92
CA GLN B 46 -0.03 4.38 -11.53
C GLN B 46 0.05 3.98 -10.08
N SER B 47 -1.10 3.64 -9.49
CA SER B 47 -1.14 3.18 -8.12
CA SER B 47 -1.14 3.18 -8.12
C SER B 47 -0.65 1.74 -8.04
N PRO B 48 -0.14 1.34 -6.87
CA PRO B 48 0.22 -0.06 -6.66
C PRO B 48 -0.99 -0.97 -6.90
N LYS B 49 -0.74 -2.11 -7.52
CA LYS B 49 -1.77 -3.09 -7.84
C LYS B 49 -1.49 -4.36 -7.04
N LEU B 50 -2.44 -4.78 -6.21
CA LEU B 50 -2.28 -5.99 -5.42
C LEU B 50 -2.19 -7.24 -6.30
N LEU B 51 -1.14 -8.03 -6.12
CA LEU B 51 -0.94 -9.28 -6.87
C LEU B 51 -1.27 -10.50 -6.02
N ILE B 52 -0.74 -10.50 -4.81
CA ILE B 52 -0.79 -11.65 -3.91
C ILE B 52 -1.11 -11.13 -2.51
N TYR B 53 -1.99 -11.81 -1.79
CA TYR B 53 -2.25 -11.49 -0.40
C TYR B 53 -2.09 -12.70 0.50
N ALA B 54 -1.79 -12.45 1.77
CA ALA B 54 -1.55 -13.50 2.75
C ALA B 54 -0.59 -14.56 2.21
N ALA B 55 0.51 -14.07 1.64
CA ALA B 55 1.67 -14.86 1.19
C ALA B 55 1.49 -15.63 -0.12
N SER B 56 0.34 -16.26 -0.30
CA SER B 56 0.19 -17.24 -1.39
C SER B 56 -1.14 -17.15 -2.15
N ASN B 57 -2.00 -16.19 -1.81
CA ASN B 57 -3.30 -16.09 -2.48
C ASN B 57 -3.25 -15.14 -3.64
N LEU B 58 -3.64 -15.62 -4.82
CA LEU B 58 -3.65 -14.81 -6.03
C LEU B 58 -4.87 -13.91 -6.02
N GLU B 59 -4.64 -12.62 -6.22
CA GLU B 59 -5.72 -11.65 -6.22
C GLU B 59 -6.56 -11.79 -7.48
N SER B 60 -7.87 -11.64 -7.33
CA SER B 60 -8.78 -11.66 -8.46
C SER B 60 -8.29 -10.71 -9.55
N GLY B 61 -8.31 -11.18 -10.80
CA GLY B 61 -7.93 -10.34 -11.92
C GLY B 61 -6.45 -10.35 -12.26
N ILE B 62 -5.66 -11.06 -11.45
CA ILE B 62 -4.23 -11.17 -11.66
C ILE B 62 -3.90 -12.53 -12.29
N PRO B 63 -3.04 -12.55 -13.34
CA PRO B 63 -2.72 -13.82 -14.01
C PRO B 63 -1.99 -14.82 -13.11
N ALA B 64 -2.22 -16.10 -13.38
CA ALA B 64 -1.67 -17.18 -12.59
C ALA B 64 -0.17 -17.34 -12.81
N ARG B 65 0.39 -16.56 -13.73
CA ARG B 65 1.85 -16.48 -13.89
C ARG B 65 2.51 -15.99 -12.60
N PHE B 66 1.77 -15.24 -11.78
CA PHE B 66 2.27 -14.77 -10.49
C PHE B 66 1.87 -15.75 -9.38
N SER B 67 2.84 -16.10 -8.54
CA SER B 67 2.53 -16.86 -7.33
C SER B 67 3.44 -16.43 -6.19
N GLY B 68 2.97 -16.65 -4.96
CA GLY B 68 3.74 -16.33 -3.78
C GLY B 68 3.98 -17.55 -2.92
N SER B 69 5.10 -17.55 -2.22
CA SER B 69 5.46 -18.61 -1.28
C SER B 69 6.09 -18.01 -0.03
N GLY B 70 6.20 -18.83 1.01
CA GLY B 70 6.91 -18.48 2.22
C GLY B 70 6.06 -18.36 3.47
N SER B 71 6.75 -18.18 4.59
CA SER B 71 6.11 -17.98 5.89
C SER B 71 7.15 -17.43 6.85
N GLY B 72 6.68 -16.95 8.00
CA GLY B 72 7.57 -16.47 9.04
C GLY B 72 8.22 -15.17 8.64
N THR B 73 9.50 -15.24 8.27
CA THR B 73 10.25 -14.05 7.87
C THR B 73 10.66 -14.05 6.39
N ASP B 74 10.50 -15.18 5.70
CA ASP B 74 11.06 -15.31 4.35
C ASP B 74 9.98 -15.60 3.31
N PHE B 75 9.88 -14.71 2.32
CA PHE B 75 8.84 -14.77 1.31
C PHE B 75 9.40 -14.56 -0.08
N THR B 76 8.72 -15.14 -1.06
CA THR B 76 9.11 -14.99 -2.46
C THR B 76 7.92 -14.77 -3.37
N LEU B 77 8.12 -13.94 -4.38
CA LEU B 77 7.20 -13.79 -5.48
C LEU B 77 7.84 -14.41 -6.71
N ASN B 78 7.09 -15.27 -7.41
CA ASN B 78 7.60 -15.96 -8.59
C ASN B 78 6.77 -15.52 -9.79
N ILE B 79 7.44 -15.25 -10.90
CA ILE B 79 6.77 -14.88 -12.16
C ILE B 79 7.19 -15.92 -13.19
N HIS B 80 6.20 -16.57 -13.80
CA HIS B 80 6.46 -17.75 -14.63
C HIS B 80 5.39 -17.91 -15.71
N PRO B 81 5.72 -17.60 -16.97
CA PRO B 81 6.93 -16.95 -17.49
C PRO B 81 6.84 -15.44 -17.39
N VAL B 82 7.98 -14.76 -17.45
CA VAL B 82 8.00 -13.31 -17.52
C VAL B 82 7.55 -12.88 -18.92
N GLU B 83 6.70 -11.85 -18.94
CA GLU B 83 6.21 -11.25 -20.18
C GLU B 83 6.56 -9.76 -20.20
N GLU B 84 6.48 -9.16 -21.38
CA GLU B 84 6.89 -7.77 -21.56
C GLU B 84 6.18 -6.81 -20.62
N GLU B 85 4.90 -7.05 -20.39
CA GLU B 85 4.09 -6.17 -19.55
C GLU B 85 4.48 -6.23 -18.07
N ASP B 86 5.41 -7.11 -17.71
CA ASP B 86 5.78 -7.29 -16.32
C ASP B 86 6.82 -6.27 -15.84
N ALA B 87 7.35 -5.48 -16.77
CA ALA B 87 8.29 -4.44 -16.41
C ALA B 87 7.59 -3.47 -15.46
N ALA B 88 8.11 -3.35 -14.25
CA ALA B 88 7.45 -2.63 -13.17
C ALA B 88 8.33 -2.70 -11.93
N THR B 89 7.92 -1.99 -10.89
CA THR B 89 8.52 -2.17 -9.58
C THR B 89 7.57 -2.97 -8.70
N TYR B 90 8.14 -3.94 -8.00
CA TYR B 90 7.40 -4.84 -7.13
C TYR B 90 7.73 -4.57 -5.68
N TYR B 91 6.70 -4.51 -4.83
CA TYR B 91 6.85 -4.25 -3.41
C TYR B 91 6.18 -5.33 -2.59
N CYS B 92 6.85 -5.76 -1.53
CA CYS B 92 6.18 -6.53 -0.51
C CYS B 92 5.68 -5.58 0.60
N GLN B 93 4.66 -6.03 1.32
CA GLN B 93 4.05 -5.27 2.41
C GLN B 93 3.57 -6.24 3.47
N GLN B 94 3.90 -5.98 4.73
CA GLN B 94 3.36 -6.78 5.83
C GLN B 94 2.24 -6.02 6.53
N THR B 95 1.18 -6.74 6.87
CA THR B 95 0.03 -6.18 7.57
C THR B 95 -0.30 -6.97 8.83
N ASN B 96 0.72 -7.60 9.40
CA ASN B 96 0.60 -8.37 10.64
C ASN B 96 0.66 -7.50 11.87
N GLU B 97 1.53 -6.49 11.85
CA GLU B 97 1.75 -5.64 13.02
C GLU B 97 1.74 -4.18 12.62
N ASP B 98 1.16 -3.34 13.46
CA ASP B 98 1.15 -1.90 13.21
C ASP B 98 2.50 -1.31 13.61
N PRO B 99 3.06 -0.40 12.79
CA PRO B 99 2.54 0.09 11.51
C PRO B 99 2.79 -0.89 10.38
N TYR B 100 1.88 -0.98 9.42
CA TYR B 100 2.17 -1.76 8.23
C TYR B 100 3.42 -1.16 7.62
N THR B 101 4.22 -2.01 6.98
CA THR B 101 5.46 -1.58 6.35
C THR B 101 5.64 -2.23 5.00
N PHE B 102 6.42 -1.55 4.15
CA PHE B 102 6.69 -1.97 2.79
C PHE B 102 8.17 -2.22 2.61
N GLY B 103 8.52 -3.17 1.74
CA GLY B 103 9.88 -3.32 1.29
C GLY B 103 10.29 -2.15 0.41
N GLY B 104 11.58 -2.08 0.08
CA GLY B 104 12.12 -0.97 -0.69
C GLY B 104 11.87 -1.03 -2.18
N GLY B 105 11.30 -2.13 -2.66
CA GLY B 105 10.97 -2.28 -4.06
C GLY B 105 12.03 -3.02 -4.87
N THR B 106 11.59 -3.72 -5.90
CA THR B 106 12.48 -4.39 -6.85
C THR B 106 12.03 -4.01 -8.26
N LYS B 107 12.92 -3.36 -9.02
CA LYS B 107 12.58 -2.93 -10.36
C LYS B 107 12.94 -4.01 -11.37
N LEU B 108 11.93 -4.52 -12.06
CA LEU B 108 12.10 -5.58 -13.04
C LEU B 108 12.10 -4.98 -14.44
N GLU B 109 13.13 -5.30 -15.22
CA GLU B 109 13.23 -4.91 -16.62
C GLU B 109 13.35 -6.14 -17.50
N ILE B 110 12.97 -5.98 -18.77
CA ILE B 110 13.15 -7.02 -19.77
C ILE B 110 14.42 -6.75 -20.57
N LYS B 111 15.20 -7.80 -20.81
CA LYS B 111 16.43 -7.66 -21.58
C LYS B 111 16.17 -7.73 -23.08
N ASN C 2 -10.63 -13.41 -2.92
CA ASN C 2 -11.20 -12.40 -2.04
C ASN C 2 -10.18 -11.90 -1.00
N ALA C 3 -9.64 -10.72 -1.21
CA ALA C 3 -8.57 -10.16 -0.39
C ALA C 3 -9.05 -9.38 0.85
N TYR C 4 -10.35 -9.22 1.00
CA TYR C 4 -10.89 -8.42 2.10
C TYR C 4 -10.46 -8.96 3.45
N ASN C 5 -10.58 -10.26 3.64
CA ASN C 5 -10.41 -10.85 4.95
C ASN C 5 -8.97 -10.95 5.40
N MET C 6 -8.05 -11.19 4.47
CA MET C 6 -6.69 -11.55 4.84
C MET C 6 -5.60 -10.68 4.25
N SER C 7 -5.94 -9.66 3.46
CA SER C 7 -4.88 -8.74 3.02
C SER C 7 -4.45 -7.79 4.16
N ILE C 8 -5.25 -7.74 5.22
CA ILE C 8 -4.80 -7.18 6.50
C ILE C 8 -5.14 -8.19 7.59
N ARG C 9 -4.44 -8.12 8.73
CA ARG C 9 -4.79 -8.93 9.89
C ARG C 9 -5.94 -8.27 10.65
N ARG C 10 -7.05 -8.98 10.80
CA ARG C 10 -8.25 -8.43 11.44
C ARG C 10 -8.53 -9.02 12.82
N SER C 11 -7.60 -9.77 13.38
CA SER C 11 -7.85 -10.39 14.68
C SER C 11 -8.07 -9.36 15.79
N MET C 12 -7.38 -8.23 15.69
CA MET C 12 -7.53 -7.16 16.68
C MET C 12 -7.11 -5.81 16.10
N ALA C 13 -7.77 -5.40 15.02
CA ALA C 13 -7.35 -4.22 14.28
C ALA C 13 -7.82 -2.90 14.90
N GLU C 14 -8.48 -2.98 16.05
CA GLU C 14 -8.90 -1.77 16.77
C GLU C 14 -8.60 -1.86 18.27
N SER C 15 -7.55 -2.60 18.61
CA SER C 15 -7.14 -2.73 20.00
C SER C 15 -6.32 -1.54 20.45
#